data_3T7O
#
_entry.id   3T7O
#
_cell.length_a   46.415
_cell.length_b   46.590
_cell.length_c   69.904
_cell.angle_alpha   79.54
_cell.angle_beta   88.75
_cell.angle_gamma   75.83
#
_symmetry.space_group_name_H-M   'P 1'
#
loop_
_entity.id
_entity.type
_entity.pdbx_description
1 polymer Glycogenin-1
2 non-polymer alpha-D-glucopyranose
3 non-polymer 'MANGANESE (II) ION'
4 non-polymer "URIDINE-5'-DIPHOSPHATE-GLUCOSE"
5 non-polymer 1,2-ETHANEDIOL
6 water water
#
_entity_poly.entity_id   1
_entity_poly.type   'polypeptide(L)'
_entity_poly.pdbx_seq_one_letter_code
;SMTDQAFVTLTTNDAYAKGALVLGSSLKQHRTTRRLVVLATPQVSDSMRKVLETVFDEVIMVDVLDSGDSAHLTLMKRPE
LGVTLTKLHCWSLTQYSKCVFMDADTLVLANIDDLFDREELSAAPDPGWPDCFNSGVFVYQPSVETYNQLLHLASEQGSF
DGGDQGILNTFFSSWATTDIRKHLPFIYNLSSISIYSYLPAFKVFGASAKVVHFLGRVKPWNYTYDPKTKSVKSEAHDPN
MTHPEFLILWWNIFTTNVLPLLQ
;
_entity_poly.pdbx_strand_id   A,B
#
loop_
_chem_comp.id
_chem_comp.type
_chem_comp.name
_chem_comp.formula
EDO non-polymer 1,2-ETHANEDIOL 'C2 H6 O2'
GLC D-saccharide, alpha linking alpha-D-glucopyranose 'C6 H12 O6'
MN non-polymer 'MANGANESE (II) ION' 'Mn 2'
UPG non-polymer URIDINE-5'-DIPHOSPHATE-GLUCOSE 'C15 H24 N2 O17 P2'
#
# COMPACT_ATOMS: atom_id res chain seq x y z
N SER A 1 -3.59 -32.18 -2.59
CA SER A 1 -2.16 -31.90 -2.21
C SER A 1 -1.17 -32.43 -3.27
N MET A 2 -0.82 -33.71 -3.13
CA MET A 2 0.19 -34.37 -3.97
C MET A 2 0.18 -33.92 -5.44
N THR A 3 -0.90 -34.22 -6.16
CA THR A 3 -0.92 -34.02 -7.62
C THR A 3 -2.06 -33.18 -8.18
N ASP A 4 -3.04 -32.83 -7.35
CA ASP A 4 -4.17 -32.05 -7.84
C ASP A 4 -3.95 -30.54 -7.63
N GLN A 5 -2.90 -30.17 -6.92
CA GLN A 5 -2.59 -28.75 -6.71
C GLN A 5 -1.19 -28.39 -7.23
N ALA A 6 -1.02 -27.15 -7.68
CA ALA A 6 0.29 -26.67 -8.24
C ALA A 6 0.59 -25.21 -7.95
N PHE A 7 1.87 -24.88 -7.85
CA PHE A 7 2.36 -23.52 -8.07
C PHE A 7 2.56 -23.39 -9.59
N VAL A 8 2.20 -22.22 -10.10
CA VAL A 8 2.21 -21.91 -11.52
C VAL A 8 2.95 -20.60 -11.73
N THR A 9 3.93 -20.59 -12.63
CA THR A 9 4.55 -19.34 -13.07
C THR A 9 4.45 -19.17 -14.59
N LEU A 10 5.02 -18.08 -15.09
CA LEU A 10 4.87 -17.71 -16.47
C LEU A 10 6.18 -17.12 -16.90
N THR A 11 6.62 -17.54 -18.07
CA THR A 11 7.68 -16.82 -18.72
C THR A 11 7.54 -16.72 -20.26
N THR A 12 7.69 -15.51 -20.79
CA THR A 12 7.53 -15.30 -22.22
C THR A 12 8.88 -15.22 -22.88
N ASN A 13 9.96 -15.36 -22.10
CA ASN A 13 11.31 -15.22 -22.64
C ASN A 13 12.43 -15.78 -21.75
N ASP A 14 13.67 -15.81 -22.25
CA ASP A 14 14.78 -16.44 -21.54
C ASP A 14 15.21 -15.64 -20.30
N ALA A 15 14.90 -14.34 -20.29
CA ALA A 15 15.26 -13.44 -19.20
C ALA A 15 14.39 -13.70 -18.00
N TYR A 16 13.09 -13.69 -18.22
CA TYR A 16 12.18 -14.02 -17.13
C TYR A 16 12.26 -15.49 -16.76
N ALA A 17 12.78 -16.34 -17.65
CA ALA A 17 12.96 -17.78 -17.33
C ALA A 17 13.98 -18.02 -16.21
N LYS A 18 15.01 -17.18 -16.15
CA LYS A 18 16.01 -17.28 -15.08
C LYS A 18 15.32 -16.99 -13.76
N GLY A 19 14.40 -16.03 -13.77
CA GLY A 19 13.51 -15.83 -12.64
C GLY A 19 12.66 -17.05 -12.31
N ALA A 20 12.01 -17.62 -13.32
CA ALA A 20 11.16 -18.79 -13.07
C ALA A 20 12.05 -19.89 -12.55
N LEU A 21 13.29 -19.97 -13.04
CA LEU A 21 14.20 -21.03 -12.55
C LEU A 21 14.54 -20.85 -11.05
N VAL A 22 14.87 -19.63 -10.64
CA VAL A 22 15.13 -19.33 -9.23
C VAL A 22 13.93 -19.55 -8.32
N LEU A 23 12.76 -19.15 -8.76
CA LEU A 23 11.50 -19.39 -8.01
C LEU A 23 11.29 -20.88 -7.77
N GLY A 24 11.41 -21.67 -8.84
CA GLY A 24 11.12 -23.10 -8.75
C GLY A 24 12.14 -23.79 -7.87
N SER A 25 13.39 -23.38 -8.01
CA SER A 25 14.42 -23.86 -7.11
C SER A 25 14.13 -23.60 -5.63
N SER A 26 13.65 -22.39 -5.32
CA SER A 26 13.37 -21.98 -3.94
C SER A 26 12.16 -22.73 -3.38
N LEU A 27 11.16 -22.96 -4.23
CA LEU A 27 10.04 -23.80 -3.82
C LEU A 27 10.50 -25.24 -3.52
N LYS A 28 11.44 -25.75 -4.32
CA LYS A 28 12.04 -27.07 -4.05
C LYS A 28 12.84 -27.06 -2.76
N GLN A 29 13.67 -26.03 -2.60
CA GLN A 29 14.48 -25.82 -1.40
C GLN A 29 13.62 -25.87 -0.14
N HIS A 30 12.42 -25.30 -0.19
CA HIS A 30 11.54 -25.27 0.98
C HIS A 30 10.47 -26.38 0.95
N ARG A 31 10.72 -27.41 0.14
CA ARG A 31 10.03 -28.68 0.31
C ARG A 31 8.52 -28.62 0.05
N THR A 32 8.13 -27.98 -1.04
CA THR A 32 6.72 -28.03 -1.41
C THR A 32 6.33 -29.47 -1.75
N THR A 33 5.11 -29.82 -1.39
CA THR A 33 4.54 -31.10 -1.76
C THR A 33 3.60 -30.96 -2.96
N ARG A 34 3.54 -29.75 -3.54
CA ARG A 34 2.71 -29.48 -4.71
C ARG A 34 3.48 -29.56 -6.03
N ARG A 35 2.75 -29.70 -7.13
CA ARG A 35 3.39 -29.68 -8.47
C ARG A 35 3.94 -28.29 -8.73
N LEU A 36 4.95 -28.24 -9.58
CA LEU A 36 5.49 -26.99 -10.11
C LEU A 36 5.28 -26.93 -11.62
N VAL A 37 4.58 -25.89 -12.06
CA VAL A 37 4.21 -25.73 -13.48
C VAL A 37 4.64 -24.35 -13.98
N VAL A 38 5.16 -24.31 -15.22
CA VAL A 38 5.47 -23.05 -15.86
C VAL A 38 4.83 -22.90 -17.27
N LEU A 39 4.11 -21.79 -17.42
CA LEU A 39 3.57 -21.36 -18.70
C LEU A 39 4.69 -20.71 -19.50
N ALA A 40 4.90 -21.13 -20.74
CA ALA A 40 5.94 -20.55 -21.59
C ALA A 40 5.39 -20.32 -22.99
N THR A 41 5.98 -19.34 -23.67
CA THR A 41 5.55 -18.90 -25.00
C THR A 41 6.69 -19.15 -26.00
N PRO A 42 6.41 -19.10 -27.30
CA PRO A 42 7.41 -19.54 -28.26
C PRO A 42 8.74 -18.79 -28.29
N GLN A 43 8.81 -17.60 -27.70
CA GLN A 43 10.10 -16.88 -27.64
C GLN A 43 11.10 -17.58 -26.73
N VAL A 44 10.62 -18.37 -25.77
CA VAL A 44 11.51 -19.09 -24.88
C VAL A 44 12.25 -20.09 -25.76
N SER A 45 13.58 -20.08 -25.70
CA SER A 45 14.37 -20.94 -26.57
C SER A 45 14.16 -22.41 -26.27
N ASP A 46 14.44 -23.26 -27.24
CA ASP A 46 14.26 -24.68 -27.09
C ASP A 46 15.14 -25.19 -25.94
N SER A 47 16.38 -24.71 -25.88
CA SER A 47 17.27 -25.16 -24.82
C SER A 47 16.79 -24.71 -23.44
N MET A 48 16.23 -23.52 -23.34
CA MET A 48 15.72 -23.01 -22.05
C MET A 48 14.51 -23.84 -21.61
N ARG A 49 13.66 -24.24 -22.56
CA ARG A 49 12.49 -25.08 -22.23
C ARG A 49 12.92 -26.39 -21.59
N LYS A 50 13.98 -26.95 -22.15
CA LYS A 50 14.60 -28.17 -21.63
C LYS A 50 15.09 -27.96 -20.20
N VAL A 51 15.74 -26.83 -19.93
CA VAL A 51 16.19 -26.53 -18.58
C VAL A 51 15.01 -26.34 -17.61
N LEU A 52 14.02 -25.59 -18.05
CA LEU A 52 12.76 -25.45 -17.28
C LEU A 52 12.10 -26.79 -16.92
N GLU A 53 12.20 -27.76 -17.83
CA GLU A 53 11.71 -29.14 -17.59
C GLU A 53 12.50 -29.92 -16.50
N THR A 54 13.70 -29.45 -16.16
CA THR A 54 14.48 -30.03 -15.06
C THR A 54 14.08 -29.50 -13.68
N VAL A 55 13.50 -28.32 -13.64
CA VAL A 55 13.05 -27.68 -12.39
C VAL A 55 11.54 -27.89 -12.21
N PHE A 56 10.80 -27.66 -13.28
CA PHE A 56 9.33 -27.72 -13.24
C PHE A 56 8.82 -29.11 -13.61
N ASP A 57 7.71 -29.52 -12.98
CA ASP A 57 7.12 -30.80 -13.29
C ASP A 57 6.62 -30.79 -14.72
N GLU A 58 6.04 -29.66 -15.14
CA GLU A 58 5.60 -29.48 -16.52
C GLU A 58 5.84 -28.08 -17.08
N VAL A 59 6.30 -28.04 -18.33
CA VAL A 59 6.39 -26.79 -19.09
C VAL A 59 5.25 -26.81 -20.10
N ILE A 60 4.36 -25.84 -19.99
CA ILE A 60 3.12 -25.79 -20.80
C ILE A 60 3.17 -24.63 -21.81
N MET A 61 3.16 -24.97 -23.09
CA MET A 61 3.32 -23.98 -24.13
C MET A 61 1.98 -23.32 -24.42
N VAL A 62 1.97 -21.99 -24.36
CA VAL A 62 0.77 -21.20 -24.60
C VAL A 62 1.13 -20.05 -25.54
N ASP A 63 0.10 -19.45 -26.14
CA ASP A 63 0.28 -18.29 -27.00
C ASP A 63 0.40 -17.03 -26.13
N VAL A 64 1.23 -16.09 -26.58
CA VAL A 64 1.26 -14.80 -25.94
C VAL A 64 -0.07 -14.11 -26.11
N LEU A 65 -0.51 -13.46 -25.04
CA LEU A 65 -1.60 -12.53 -25.07
C LEU A 65 -1.04 -11.16 -24.69
N ASP A 66 -1.20 -10.20 -25.60
CA ASP A 66 -0.59 -8.88 -25.46
C ASP A 66 -1.68 -7.81 -25.59
N SER A 67 -1.81 -6.97 -24.57
CA SER A 67 -2.85 -5.97 -24.53
C SER A 67 -2.64 -4.91 -25.61
N GLY A 68 -1.38 -4.64 -25.97
CA GLY A 68 -1.03 -3.54 -26.87
C GLY A 68 -1.51 -2.19 -26.36
N ASP A 69 -1.80 -2.12 -25.07
CA ASP A 69 -2.43 -0.96 -24.44
C ASP A 69 -1.35 0.03 -24.01
N SER A 70 -0.85 0.73 -25.00
CA SER A 70 0.30 1.62 -24.85
C SER A 70 0.02 2.75 -23.86
N ALA A 71 -1.17 3.33 -23.96
CA ALA A 71 -1.57 4.43 -23.10
C ALA A 71 -1.39 4.04 -21.63
N HIS A 72 -2.12 3.03 -21.18
CA HIS A 72 -2.20 2.70 -19.73
C HIS A 72 -0.89 2.17 -19.21
N LEU A 73 -0.13 1.46 -20.05
CA LEU A 73 1.18 0.97 -19.69
C LEU A 73 2.14 2.16 -19.45
N THR A 74 2.17 3.13 -20.38
CA THR A 74 2.95 4.38 -20.20
C THR A 74 2.61 5.12 -18.92
N LEU A 75 1.34 5.06 -18.55
CA LEU A 75 0.83 5.72 -17.36
C LEU A 75 1.54 5.16 -16.11
N MET A 76 2.04 3.94 -16.25
CA MET A 76 2.74 3.21 -15.20
C MET A 76 4.25 3.23 -15.39
N LYS A 77 4.72 3.76 -16.51
CA LYS A 77 6.12 3.65 -16.95
C LYS A 77 6.57 2.19 -17.12
N ARG A 78 5.64 1.31 -17.47
CA ARG A 78 5.99 -0.10 -17.73
C ARG A 78 5.55 -0.47 -19.14
N PRO A 79 6.16 0.17 -20.14
CA PRO A 79 5.73 -0.03 -21.54
C PRO A 79 5.87 -1.49 -22.02
N GLU A 80 6.62 -2.32 -21.28
CA GLU A 80 6.93 -3.68 -21.71
C GLU A 80 5.98 -4.77 -21.16
N LEU A 81 4.94 -4.38 -20.43
CA LEU A 81 4.11 -5.33 -19.66
C LEU A 81 2.80 -5.73 -20.36
N GLY A 82 2.66 -5.37 -21.64
CA GLY A 82 1.48 -5.75 -22.38
C GLY A 82 1.27 -7.26 -22.45
N VAL A 83 2.38 -7.99 -22.52
CA VAL A 83 2.34 -9.46 -22.61
C VAL A 83 1.99 -10.16 -21.29
N THR A 84 1.80 -9.42 -20.19
CA THR A 84 1.41 -10.06 -18.93
C THR A 84 -0.02 -10.59 -19.02
N LEU A 85 -0.77 -10.16 -20.05
CA LEU A 85 -2.10 -10.76 -20.30
C LEU A 85 -2.03 -12.29 -20.49
N THR A 86 -0.88 -12.74 -20.96
CA THR A 86 -0.56 -14.16 -21.06
C THR A 86 -0.81 -14.93 -19.75
N LYS A 87 -0.73 -14.25 -18.61
CA LYS A 87 -0.99 -14.87 -17.30
C LYS A 87 -2.39 -15.49 -17.24
N LEU A 88 -3.35 -14.93 -17.99
CA LEU A 88 -4.74 -15.39 -17.93
C LEU A 88 -4.86 -16.86 -18.31
N HIS A 89 -3.93 -17.35 -19.12
CA HIS A 89 -3.87 -18.79 -19.39
C HIS A 89 -3.79 -19.66 -18.16
N CYS A 90 -3.42 -19.11 -16.99
CA CYS A 90 -3.29 -19.94 -15.80
C CYS A 90 -4.62 -20.59 -15.40
N TRP A 91 -5.74 -19.94 -15.76
CA TRP A 91 -7.09 -20.49 -15.47
C TRP A 91 -7.46 -21.71 -16.33
N SER A 92 -6.67 -21.97 -17.38
CA SER A 92 -6.95 -23.09 -18.27
C SER A 92 -6.49 -24.45 -17.70
N LEU A 93 -5.82 -24.44 -16.55
CA LEU A 93 -5.12 -25.62 -16.01
C LEU A 93 -6.03 -26.49 -15.18
N THR A 94 -7.09 -26.95 -15.84
CA THR A 94 -8.17 -27.72 -15.24
C THR A 94 -7.75 -29.12 -14.79
N GLN A 95 -6.54 -29.54 -15.18
CA GLN A 95 -5.89 -30.69 -14.56
C GLN A 95 -5.64 -30.48 -13.06
N TYR A 96 -5.64 -29.23 -12.59
CA TYR A 96 -5.50 -28.95 -11.16
C TYR A 96 -6.79 -28.36 -10.57
N SER A 97 -7.08 -28.70 -9.32
CA SER A 97 -8.23 -28.16 -8.58
C SER A 97 -8.00 -26.77 -8.00
N LYS A 98 -6.78 -26.49 -7.57
CA LYS A 98 -6.43 -25.20 -6.97
C LYS A 98 -4.98 -24.94 -7.23
N CYS A 99 -4.64 -23.69 -7.43
CA CYS A 99 -3.29 -23.31 -7.82
C CYS A 99 -2.89 -22.02 -7.14
N VAL A 100 -1.59 -21.85 -6.95
CA VAL A 100 -1.03 -20.57 -6.58
C VAL A 100 -0.24 -20.04 -7.76
N PHE A 101 -0.67 -18.89 -8.27
CA PHE A 101 0.10 -18.24 -9.29
C PHE A 101 1.16 -17.38 -8.61
N MET A 102 2.39 -17.48 -9.09
CA MET A 102 3.52 -16.71 -8.60
C MET A 102 4.28 -16.09 -9.80
N ASP A 103 4.43 -14.77 -9.79
CA ASP A 103 5.28 -14.03 -10.74
C ASP A 103 6.67 -14.67 -10.79
N ALA A 104 7.24 -14.70 -11.98
CA ALA A 104 8.61 -15.19 -12.18
C ALA A 104 9.70 -14.30 -11.52
N ASP A 105 9.32 -13.11 -11.02
CA ASP A 105 10.19 -12.24 -10.23
C ASP A 105 9.96 -12.38 -8.72
N THR A 106 9.47 -13.53 -8.27
CA THR A 106 9.37 -13.83 -6.85
C THR A 106 10.40 -14.83 -6.37
N LEU A 107 10.56 -14.91 -5.05
CA LEU A 107 11.52 -15.80 -4.42
C LEU A 107 10.90 -16.25 -3.11
N VAL A 108 10.88 -17.57 -2.90
CA VAL A 108 10.30 -18.16 -1.71
C VAL A 108 11.40 -18.34 -0.60
N LEU A 109 11.04 -18.00 0.63
CA LEU A 109 11.95 -18.03 1.77
C LEU A 109 11.54 -19.01 2.87
N ALA A 110 10.39 -19.64 2.70
CA ALA A 110 9.77 -20.51 3.68
C ALA A 110 8.72 -21.34 2.95
N ASN A 111 8.35 -22.49 3.46
CA ASN A 111 7.30 -23.27 2.81
C ASN A 111 6.00 -22.47 2.88
N ILE A 112 5.29 -22.39 1.78
CA ILE A 112 4.03 -21.65 1.69
C ILE A 112 2.86 -22.51 1.21
N ASP A 113 2.94 -23.83 1.46
CA ASP A 113 1.89 -24.77 1.08
C ASP A 113 0.56 -24.53 1.82
N ASP A 114 0.60 -23.83 2.94
CA ASP A 114 -0.62 -23.38 3.60
C ASP A 114 -1.47 -22.36 2.80
N LEU A 115 -0.93 -21.83 1.72
CA LEU A 115 -1.73 -21.00 0.80
C LEU A 115 -2.86 -21.79 0.14
N PHE A 116 -2.72 -23.11 0.10
CA PHE A 116 -3.79 -23.98 -0.43
C PHE A 116 -4.97 -24.17 0.52
N ASP A 117 -4.86 -23.64 1.73
CA ASP A 117 -6.00 -23.48 2.58
C ASP A 117 -6.93 -22.38 2.11
N ARG A 118 -6.45 -21.48 1.26
CA ARG A 118 -7.23 -20.29 0.88
CA ARG A 118 -7.23 -20.30 0.86
C ARG A 118 -8.12 -20.63 -0.33
N GLU A 119 -9.08 -19.75 -0.58
CA GLU A 119 -10.10 -19.92 -1.62
C GLU A 119 -9.87 -18.82 -2.70
N GLU A 120 -10.23 -19.08 -3.96
CA GLU A 120 -10.21 -18.02 -4.98
C GLU A 120 -11.14 -16.86 -4.65
N LEU A 121 -10.77 -15.60 -4.92
CA LEU A 121 -9.40 -15.15 -5.24
C LEU A 121 -8.77 -14.58 -3.96
N SER A 122 -7.62 -15.11 -3.57
CA SER A 122 -6.93 -14.65 -2.34
C SER A 122 -5.58 -14.12 -2.74
N ALA A 123 -5.31 -12.89 -2.32
CA ALA A 123 -4.11 -12.16 -2.73
C ALA A 123 -3.79 -11.05 -1.75
N ALA A 124 -2.53 -10.63 -1.74
CA ALA A 124 -2.05 -9.57 -0.86
C ALA A 124 -2.33 -8.19 -1.41
N PRO A 125 -2.52 -7.20 -0.52
CA PRO A 125 -2.66 -5.82 -0.99
C PRO A 125 -1.43 -5.30 -1.75
N ASP A 126 -1.70 -4.49 -2.74
CA ASP A 126 -0.66 -3.92 -3.57
C ASP A 126 -0.16 -2.65 -2.90
N PRO A 127 1.13 -2.56 -2.60
CA PRO A 127 1.54 -1.25 -2.08
C PRO A 127 1.21 -0.20 -3.14
N GLY A 128 0.99 1.02 -2.74
CA GLY A 128 0.68 2.03 -3.74
C GLY A 128 -0.80 2.22 -3.83
N TRP A 129 -1.56 1.20 -4.20
CA TRP A 129 -3.03 1.30 -4.20
C TRP A 129 -3.60 0.06 -3.50
N PRO A 130 -3.61 0.05 -2.16
CA PRO A 130 -3.90 -1.18 -1.44
C PRO A 130 -5.33 -1.71 -1.42
N ASP A 131 -6.28 -1.00 -2.02
CA ASP A 131 -7.60 -1.56 -2.33
C ASP A 131 -7.61 -2.39 -3.62
N CYS A 132 -6.47 -2.43 -4.31
CA CYS A 132 -6.22 -3.40 -5.36
C CYS A 132 -5.27 -4.44 -4.83
N PHE A 133 -5.48 -5.70 -5.22
CA PHE A 133 -4.54 -6.74 -4.85
C PHE A 133 -3.38 -6.79 -5.83
N ASN A 134 -2.22 -7.22 -5.36
CA ASN A 134 -1.06 -7.42 -6.25
C ASN A 134 -1.18 -8.79 -6.87
N SER A 135 -1.15 -8.83 -8.21
CA SER A 135 -1.32 -10.07 -8.99
C SER A 135 -0.06 -10.94 -9.12
N GLY A 136 0.98 -10.63 -8.34
CA GLY A 136 2.19 -11.43 -8.31
C GLY A 136 2.12 -12.72 -7.51
N VAL A 137 1.19 -12.82 -6.57
CA VAL A 137 0.93 -14.06 -5.83
C VAL A 137 -0.57 -14.16 -5.59
N PHE A 138 -1.20 -15.24 -6.04
CA PHE A 138 -2.64 -15.37 -5.83
C PHE A 138 -3.07 -16.80 -5.89
N VAL A 139 -4.08 -17.11 -5.07
CA VAL A 139 -4.66 -18.45 -4.98
C VAL A 139 -5.95 -18.43 -5.85
N TYR A 140 -6.10 -19.40 -6.75
CA TYR A 140 -7.18 -19.41 -7.76
C TYR A 140 -7.58 -20.84 -8.06
N GLN A 141 -8.72 -20.96 -8.73
CA GLN A 141 -9.28 -22.23 -9.10
C GLN A 141 -9.43 -22.28 -10.63
N PRO A 142 -8.66 -23.15 -11.29
CA PRO A 142 -8.77 -23.27 -12.75
C PRO A 142 -10.18 -23.65 -13.19
N SER A 143 -10.65 -23.02 -14.26
CA SER A 143 -12.05 -23.18 -14.68
C SER A 143 -12.19 -22.73 -16.12
N VAL A 144 -12.85 -23.53 -16.96
CA VAL A 144 -13.04 -23.09 -18.33
C VAL A 144 -14.04 -21.92 -18.35
N GLU A 145 -14.98 -21.89 -17.40
CA GLU A 145 -15.88 -20.76 -17.23
C GLU A 145 -15.03 -19.50 -17.01
N THR A 146 -14.28 -19.49 -15.91
CA THR A 146 -13.53 -18.28 -15.51
C THR A 146 -12.51 -17.86 -16.58
N TYR A 147 -11.81 -18.84 -17.14
CA TYR A 147 -10.81 -18.61 -18.17
C TYR A 147 -11.40 -17.82 -19.33
N ASN A 148 -12.53 -18.30 -19.79
CA ASN A 148 -13.17 -17.73 -20.95
C ASN A 148 -13.86 -16.41 -20.66
N GLN A 149 -14.32 -16.21 -19.43
CA GLN A 149 -14.89 -14.92 -19.06
C GLN A 149 -13.76 -13.90 -19.08
N LEU A 150 -12.63 -14.28 -18.53
CA LEU A 150 -11.48 -13.38 -18.43
C LEU A 150 -10.95 -13.01 -19.81
N LEU A 151 -10.87 -14.00 -20.71
CA LEU A 151 -10.42 -13.77 -22.08
C LEU A 151 -11.38 -12.80 -22.75
N HIS A 152 -12.68 -13.01 -22.58
CA HIS A 152 -13.67 -12.12 -23.19
C HIS A 152 -13.57 -10.66 -22.69
N LEU A 153 -13.51 -10.51 -21.37
CA LEU A 153 -13.31 -9.21 -20.74
C LEU A 153 -12.05 -8.54 -21.28
N ALA A 154 -10.96 -9.33 -21.35
CA ALA A 154 -9.68 -8.85 -21.88
C ALA A 154 -9.81 -8.33 -23.32
N SER A 155 -10.56 -9.05 -24.15
CA SER A 155 -10.62 -8.68 -25.58
C SER A 155 -11.56 -7.51 -25.80
N GLU A 156 -12.61 -7.40 -24.99
CA GLU A 156 -13.62 -6.37 -25.17
C GLU A 156 -13.27 -5.04 -24.47
N GLN A 157 -12.83 -5.12 -23.21
CA GLN A 157 -12.60 -3.92 -22.36
C GLN A 157 -11.12 -3.63 -22.15
N GLY A 158 -10.29 -4.66 -22.26
CA GLY A 158 -8.87 -4.55 -21.96
C GLY A 158 -8.64 -4.49 -20.47
N SER A 159 -7.56 -3.83 -20.05
CA SER A 159 -7.19 -3.70 -18.62
C SER A 159 -6.91 -2.26 -18.27
N PHE A 160 -7.31 -1.85 -17.06
CA PHE A 160 -7.13 -0.43 -16.74
C PHE A 160 -5.66 -0.02 -16.63
N ASP A 161 -4.78 -0.99 -16.42
CA ASP A 161 -3.33 -0.73 -16.34
C ASP A 161 -2.53 -1.31 -17.51
N GLY A 162 -3.23 -1.90 -18.47
CA GLY A 162 -2.58 -2.47 -19.68
C GLY A 162 -1.96 -3.85 -19.46
N GLY A 163 -2.11 -4.36 -18.25
CA GLY A 163 -1.52 -5.64 -17.88
C GLY A 163 -2.53 -6.54 -17.18
N ASP A 164 -2.03 -7.64 -16.64
CA ASP A 164 -2.94 -8.57 -15.97
C ASP A 164 -3.56 -8.01 -14.70
N GLN A 165 -2.87 -7.14 -13.97
CA GLN A 165 -3.36 -6.71 -12.62
C GLN A 165 -4.65 -5.90 -12.71
N GLY A 166 -4.75 -5.00 -13.69
CA GLY A 166 -5.96 -4.20 -13.81
C GLY A 166 -7.17 -5.08 -14.06
N ILE A 167 -7.12 -5.86 -15.12
CA ILE A 167 -8.24 -6.74 -15.48
C ILE A 167 -8.58 -7.74 -14.34
N LEU A 168 -7.57 -8.37 -13.74
CA LEU A 168 -7.82 -9.27 -12.60
C LEU A 168 -8.55 -8.54 -11.44
N ASN A 169 -8.15 -7.30 -11.15
CA ASN A 169 -8.81 -6.53 -10.08
C ASN A 169 -10.23 -6.13 -10.46
N THR A 170 -10.44 -5.86 -11.76
CA THR A 170 -11.78 -5.46 -12.22
C THR A 170 -12.68 -6.72 -12.17
N PHE A 171 -12.17 -7.85 -12.64
CA PHE A 171 -12.96 -9.11 -12.62
C PHE A 171 -13.33 -9.52 -11.18
N PHE A 172 -12.33 -9.50 -10.30
CA PHE A 172 -12.48 -9.88 -8.90
C PHE A 172 -12.68 -8.64 -8.02
N SER A 173 -13.77 -7.93 -8.31
CA SER A 173 -14.03 -6.58 -7.80
C SER A 173 -14.43 -6.50 -6.34
N SER A 174 -14.85 -7.64 -5.77
CA SER A 174 -15.26 -7.72 -4.37
C SER A 174 -14.11 -7.86 -3.36
N TRP A 175 -12.87 -8.03 -3.83
CA TRP A 175 -11.76 -8.38 -2.95
C TRP A 175 -11.53 -7.35 -1.83
N ALA A 176 -11.61 -6.06 -2.21
CA ALA A 176 -11.34 -4.97 -1.26
C ALA A 176 -12.28 -5.02 -0.10
N THR A 177 -13.50 -5.46 -0.36
CA THR A 177 -14.59 -5.23 0.55
C THR A 177 -15.16 -6.51 1.14
N THR A 178 -14.69 -7.66 0.67
CA THR A 178 -15.33 -8.92 1.02
C THR A 178 -14.35 -10.00 1.45
N ASP A 179 -14.54 -10.47 2.69
CA ASP A 179 -13.89 -11.64 3.27
C ASP A 179 -12.39 -11.42 3.51
N ILE A 180 -12.05 -11.10 4.75
CA ILE A 180 -10.69 -10.75 5.13
C ILE A 180 -9.68 -11.89 4.91
N ARG A 181 -10.18 -13.11 4.81
CA ARG A 181 -9.27 -14.25 4.63
C ARG A 181 -8.70 -14.29 3.23
N LYS A 182 -9.34 -13.60 2.27
CA LYS A 182 -8.80 -13.50 0.93
C LYS A 182 -7.80 -12.35 0.79
N HIS A 183 -7.56 -11.59 1.86
CA HIS A 183 -6.40 -10.70 1.96
C HIS A 183 -5.22 -11.48 2.55
N LEU A 184 -4.36 -11.99 1.69
CA LEU A 184 -3.16 -12.66 2.18
C LEU A 184 -2.27 -11.65 2.92
N PRO A 185 -1.71 -12.08 4.06
CA PRO A 185 -0.69 -11.28 4.70
C PRO A 185 0.43 -10.90 3.76
N PHE A 186 0.92 -9.68 3.98
CA PHE A 186 1.92 -9.06 3.14
C PHE A 186 3.21 -9.88 3.07
N ILE A 187 3.44 -10.67 4.11
CA ILE A 187 4.59 -11.58 4.17
C ILE A 187 4.54 -12.75 3.15
N TYR A 188 3.38 -13.01 2.54
CA TYR A 188 3.30 -13.86 1.34
C TYR A 188 3.57 -13.17 0.00
N ASN A 189 3.74 -11.84 0.01
CA ASN A 189 4.05 -11.08 -1.20
C ASN A 189 4.70 -9.75 -0.84
N LEU A 190 5.89 -9.83 -0.25
CA LEU A 190 6.58 -8.65 0.28
C LEU A 190 7.33 -7.98 -0.83
N SER A 191 6.89 -6.81 -1.31
CA SER A 191 7.64 -6.13 -2.37
C SER A 191 8.77 -5.29 -1.79
N SER A 192 9.91 -5.27 -2.48
CA SER A 192 11.02 -4.43 -2.08
C SER A 192 10.58 -2.96 -1.88
N ILE A 193 9.54 -2.50 -2.58
CA ILE A 193 9.17 -1.08 -2.47
C ILE A 193 8.52 -0.79 -1.09
N SER A 194 7.94 -1.81 -0.45
CA SER A 194 7.44 -1.65 0.94
C SER A 194 8.55 -1.57 2.00
N ILE A 195 9.63 -2.30 1.75
CA ILE A 195 10.79 -2.23 2.62
C ILE A 195 11.36 -0.82 2.58
N TYR A 196 11.49 -0.27 1.38
CA TYR A 196 11.93 1.11 1.19
C TYR A 196 10.94 2.20 1.75
N SER A 197 9.62 2.01 1.62
CA SER A 197 8.66 3.07 2.03
C SER A 197 8.40 3.15 3.51
N TYR A 198 8.46 2.02 4.20
CA TYR A 198 8.17 2.02 5.61
C TYR A 198 9.09 0.99 6.25
N LEU A 199 10.37 1.34 6.21
CA LEU A 199 11.44 0.53 6.77
C LEU A 199 11.23 0.25 8.25
N PRO A 200 10.62 1.19 9.00
CA PRO A 200 10.38 0.80 10.39
C PRO A 200 9.47 -0.42 10.51
N ALA A 201 8.48 -0.55 9.65
CA ALA A 201 7.61 -1.72 9.70
C ALA A 201 8.37 -2.99 9.30
N PHE A 202 9.17 -2.90 8.25
CA PHE A 202 10.03 -4.04 7.89
C PHE A 202 10.99 -4.50 9.01
N LYS A 203 11.65 -3.57 9.70
CA LYS A 203 12.52 -3.92 10.83
C LYS A 203 11.74 -4.70 11.94
N VAL A 204 10.44 -4.46 12.07
CA VAL A 204 9.67 -5.08 13.14
C VAL A 204 8.98 -6.39 12.68
N PHE A 205 8.52 -6.45 11.43
CA PHE A 205 7.77 -7.62 10.90
C PHE A 205 8.49 -8.45 9.83
N GLY A 206 9.60 -7.92 9.31
CA GLY A 206 10.23 -8.45 8.10
C GLY A 206 10.89 -9.81 8.22
N ALA A 207 11.23 -10.22 9.45
CA ALA A 207 11.83 -11.54 9.68
C ALA A 207 10.85 -12.68 9.41
N SER A 208 9.55 -12.39 9.41
CA SER A 208 8.52 -13.39 9.12
CA SER A 208 8.56 -13.44 9.12
C SER A 208 8.26 -13.56 7.61
N ALA A 209 8.96 -12.79 6.78
CA ALA A 209 8.70 -12.76 5.33
C ALA A 209 8.87 -14.14 4.73
N LYS A 210 7.92 -14.54 3.92
CA LYS A 210 7.91 -15.88 3.32
C LYS A 210 8.12 -15.86 1.82
N VAL A 211 7.69 -14.76 1.19
CA VAL A 211 7.90 -14.49 -0.23
C VAL A 211 8.37 -13.06 -0.44
N VAL A 212 9.44 -12.88 -1.20
CA VAL A 212 9.86 -11.55 -1.62
C VAL A 212 9.59 -11.38 -3.11
N HIS A 213 9.10 -10.19 -3.48
CA HIS A 213 8.69 -9.90 -4.86
C HIS A 213 9.53 -8.74 -5.39
N PHE A 214 10.38 -9.02 -6.38
CA PHE A 214 11.26 -8.00 -6.96
C PHE A 214 10.55 -7.15 -7.97
N LEU A 215 9.44 -6.54 -7.55
CA LEU A 215 8.53 -5.79 -8.41
C LEU A 215 9.24 -4.55 -8.95
N GLY A 216 8.88 -4.10 -10.15
CA GLY A 216 9.54 -2.94 -10.77
C GLY A 216 10.32 -3.30 -12.02
N ARG A 217 10.70 -2.29 -12.80
CA ARG A 217 11.32 -2.48 -14.13
C ARG A 217 12.70 -3.17 -14.11
N VAL A 218 13.52 -2.87 -13.10
CA VAL A 218 14.81 -3.51 -12.93
C VAL A 218 14.67 -4.81 -12.15
N LYS A 219 15.05 -5.91 -12.81
CA LYS A 219 14.80 -7.21 -12.29
C LYS A 219 16.10 -7.78 -11.73
N PRO A 220 16.02 -8.76 -10.83
CA PRO A 220 17.29 -9.30 -10.27
C PRO A 220 18.36 -9.66 -11.34
N TRP A 221 17.91 -10.26 -12.42
CA TRP A 221 18.78 -10.69 -13.51
C TRP A 221 19.41 -9.56 -14.32
N ASN A 222 18.99 -8.30 -14.10
CA ASN A 222 19.66 -7.13 -14.73
C ASN A 222 20.81 -6.52 -13.92
N TYR A 223 21.08 -7.05 -12.73
CA TYR A 223 22.22 -6.61 -11.91
C TYR A 223 23.47 -7.39 -12.23
N THR A 224 24.61 -6.72 -12.09
CA THR A 224 25.92 -7.39 -12.17
C THR A 224 26.31 -7.96 -10.82
N TYR A 225 26.36 -9.28 -10.73
CA TYR A 225 26.67 -9.98 -9.50
C TYR A 225 28.09 -10.53 -9.49
N ASP A 226 28.77 -10.42 -8.35
CA ASP A 226 30.14 -10.97 -8.15
C ASP A 226 30.05 -12.09 -7.13
N PRO A 227 30.05 -13.33 -7.60
CA PRO A 227 29.94 -14.42 -6.65
C PRO A 227 31.13 -14.64 -5.67
N LYS A 228 32.31 -14.07 -5.96
CA LYS A 228 33.45 -14.18 -5.04
C LYS A 228 33.11 -13.42 -3.76
N THR A 229 32.65 -12.17 -3.89
CA THR A 229 32.32 -11.31 -2.73
C THR A 229 30.82 -11.30 -2.36
N LYS A 230 29.96 -11.84 -3.21
CA LYS A 230 28.51 -11.81 -3.03
C LYS A 230 28.00 -10.38 -2.93
N SER A 231 28.27 -9.62 -3.99
CA SER A 231 27.92 -8.21 -4.07
C SER A 231 27.29 -7.89 -5.42
N VAL A 232 26.44 -6.86 -5.46
CA VAL A 232 25.85 -6.37 -6.72
C VAL A 232 26.32 -4.93 -6.93
N LYS A 233 26.57 -4.54 -8.18
CA LYS A 233 26.73 -3.13 -8.51
C LYS A 233 25.33 -2.55 -8.62
N SER A 234 25.13 -1.35 -8.08
CA SER A 234 23.79 -0.77 -7.95
C SER A 234 23.77 0.75 -8.22
N GLU A 235 22.60 1.27 -8.57
CA GLU A 235 22.45 2.67 -8.98
C GLU A 235 21.58 3.41 -7.96
N ALA A 236 21.64 4.74 -7.98
CA ALA A 236 20.99 5.57 -6.95
C ALA A 236 19.49 5.28 -6.80
N HIS A 237 19.02 5.29 -5.55
CA HIS A 237 17.58 5.24 -5.21
C HIS A 237 16.95 3.86 -5.49
N ASP A 238 17.61 2.80 -5.08
CA ASP A 238 17.18 1.44 -5.44
C ASP A 238 16.50 0.75 -4.25
N PRO A 239 15.16 0.53 -4.32
CA PRO A 239 14.40 -0.20 -3.29
C PRO A 239 14.91 -1.61 -3.03
N ASN A 240 15.44 -2.25 -4.07
CA ASN A 240 16.12 -3.53 -3.88
C ASN A 240 17.34 -3.41 -2.97
N MET A 241 17.95 -2.23 -2.84
CA MET A 241 19.18 -2.09 -2.05
C MET A 241 18.96 -1.61 -0.61
N THR A 242 17.71 -1.51 -0.17
CA THR A 242 17.45 -1.11 1.21
C THR A 242 17.84 -2.28 2.07
N HIS A 243 17.27 -3.42 1.74
CA HIS A 243 17.66 -4.69 2.33
C HIS A 243 18.09 -5.58 1.19
N PRO A 244 19.36 -5.43 0.76
CA PRO A 244 19.85 -6.11 -0.42
C PRO A 244 20.08 -7.61 -0.23
N GLU A 245 19.96 -8.11 0.99
CA GLU A 245 20.19 -9.56 1.25
C GLU A 245 19.22 -10.46 0.45
N PHE A 246 18.02 -9.96 0.14
CA PHE A 246 17.07 -10.72 -0.69
C PHE A 246 17.55 -10.86 -2.11
N LEU A 247 18.02 -9.76 -2.68
CA LEU A 247 18.64 -9.77 -4.01
C LEU A 247 19.88 -10.65 -4.07
N ILE A 248 20.68 -10.64 -2.99
CA ILE A 248 21.91 -11.47 -2.98
C ILE A 248 21.48 -12.92 -2.84
N LEU A 249 20.44 -13.17 -2.07
CA LEU A 249 19.88 -14.54 -1.99
C LEU A 249 19.44 -15.04 -3.37
N TRP A 250 18.72 -14.20 -4.10
CA TRP A 250 18.30 -14.55 -5.46
C TRP A 250 19.53 -15.00 -6.27
N TRP A 251 20.55 -14.15 -6.26
CA TRP A 251 21.77 -14.42 -7.02
C TRP A 251 22.55 -15.64 -6.54
N ASN A 252 22.60 -15.83 -5.23
CA ASN A 252 23.14 -17.05 -4.63
C ASN A 252 22.47 -18.33 -5.16
N ILE A 253 21.16 -18.31 -5.23
CA ILE A 253 20.40 -19.48 -5.74
C ILE A 253 20.65 -19.66 -7.24
N PHE A 254 20.62 -18.58 -7.97
CA PHE A 254 20.97 -18.64 -9.36
C PHE A 254 22.39 -19.21 -9.60
N THR A 255 23.36 -18.61 -8.94
CA THR A 255 24.75 -18.97 -9.18
C THR A 255 25.04 -20.42 -8.78
N THR A 256 24.47 -20.91 -7.68
CA THR A 256 24.86 -22.22 -7.18
C THR A 256 23.92 -23.34 -7.63
N ASN A 257 22.62 -23.06 -7.73
CA ASN A 257 21.63 -24.10 -8.04
C ASN A 257 21.08 -24.09 -9.50
N VAL A 258 21.07 -22.93 -10.15
CA VAL A 258 20.55 -22.82 -11.51
C VAL A 258 21.62 -22.85 -12.58
N LEU A 259 22.71 -22.11 -12.35
CA LEU A 259 23.78 -22.03 -13.32
C LEU A 259 24.32 -23.40 -13.74
N PRO A 260 24.44 -24.37 -12.79
CA PRO A 260 24.87 -25.71 -13.24
C PRO A 260 23.93 -26.42 -14.24
N LEU A 261 22.62 -26.20 -14.11
CA LEU A 261 21.64 -26.82 -15.03
C LEU A 261 21.65 -26.14 -16.41
N LEU A 262 22.21 -24.93 -16.49
CA LEU A 262 22.32 -24.20 -17.75
C LEU A 262 23.59 -24.57 -18.52
N GLN A 263 24.40 -25.46 -17.96
CA GLN A 263 25.60 -25.99 -18.64
C GLN A 263 25.22 -26.47 -20.04
N SER B 1 -26.78 12.81 11.98
CA SER B 1 -26.96 14.10 12.73
C SER B 1 -26.97 13.85 14.25
N MET B 2 -25.83 14.05 14.92
CA MET B 2 -25.75 13.70 16.37
C MET B 2 -24.61 14.43 17.14
N THR B 3 -24.99 15.19 18.17
CA THR B 3 -24.09 16.12 18.88
C THR B 3 -22.99 15.51 19.75
N ASP B 4 -23.10 14.22 20.09
CA ASP B 4 -22.06 13.59 20.89
C ASP B 4 -21.03 12.83 20.03
N GLN B 5 -20.94 13.14 18.74
CA GLN B 5 -19.91 12.59 17.86
C GLN B 5 -19.13 13.74 17.27
N ALA B 6 -17.83 13.54 17.05
CA ALA B 6 -16.96 14.64 16.53
C ALA B 6 -15.88 14.19 15.56
N PHE B 7 -15.49 15.12 14.69
CA PHE B 7 -14.23 15.00 14.00
C PHE B 7 -13.18 15.67 14.89
N VAL B 8 -11.99 15.09 14.93
CA VAL B 8 -10.89 15.52 15.82
C VAL B 8 -9.60 15.65 15.05
N THR B 9 -9.00 16.83 15.09
CA THR B 9 -7.64 17.02 14.57
C THR B 9 -6.66 17.46 15.68
N LEU B 10 -5.42 17.72 15.29
CA LEU B 10 -4.34 18.01 16.22
C LEU B 10 -3.41 18.98 15.55
N THR B 11 -3.03 20.01 16.30
CA THR B 11 -1.91 20.84 15.90
C THR B 11 -1.03 21.21 17.06
N THR B 12 0.30 21.06 16.89
CA THR B 12 1.25 21.46 17.91
C THR B 12 1.96 22.76 17.59
N ASN B 13 1.65 23.37 16.45
CA ASN B 13 2.18 24.66 16.11
C ASN B 13 1.32 25.45 15.13
N ASP B 14 1.79 26.64 14.76
CA ASP B 14 1.02 27.56 13.90
C ASP B 14 1.06 27.17 12.41
N ALA B 15 2.01 26.31 12.04
CA ALA B 15 2.17 25.84 10.67
C ALA B 15 1.10 24.78 10.39
N TYR B 16 1.04 23.79 11.25
CA TYR B 16 0.03 22.73 11.10
C TYR B 16 -1.36 23.26 11.41
N ALA B 17 -1.43 24.36 12.15
CA ALA B 17 -2.68 25.06 12.40
C ALA B 17 -3.36 25.47 11.09
N LYS B 18 -2.59 25.91 10.11
CA LYS B 18 -3.14 26.27 8.80
C LYS B 18 -3.78 25.02 8.17
N GLY B 19 -3.09 23.89 8.31
CA GLY B 19 -3.65 22.59 7.92
C GLY B 19 -4.97 22.32 8.61
N ALA B 20 -5.01 22.46 9.95
CA ALA B 20 -6.25 22.18 10.68
C ALA B 20 -7.40 23.06 10.22
N LEU B 21 -7.07 24.33 9.93
CA LEU B 21 -8.09 25.30 9.55
C LEU B 21 -8.70 24.98 8.18
N VAL B 22 -7.88 24.57 7.22
CA VAL B 22 -8.37 24.12 5.92
C VAL B 22 -9.18 22.81 6.08
N LEU B 23 -8.71 21.91 6.92
CA LEU B 23 -9.49 20.67 7.18
C LEU B 23 -10.88 20.99 7.70
N GLY B 24 -10.94 21.82 8.74
CA GLY B 24 -12.18 22.30 9.35
C GLY B 24 -13.08 22.98 8.38
N SER B 25 -12.50 23.90 7.61
CA SER B 25 -13.27 24.56 6.58
C SER B 25 -13.91 23.57 5.58
N SER B 26 -13.13 22.57 5.15
CA SER B 26 -13.60 21.58 4.22
C SER B 26 -14.72 20.72 4.79
N LEU B 27 -14.64 20.38 6.08
CA LEU B 27 -15.71 19.68 6.75
C LEU B 27 -17.00 20.51 6.83
N LYS B 28 -16.89 21.82 7.04
CA LYS B 28 -18.08 22.67 6.95
C LYS B 28 -18.67 22.76 5.54
N GLN B 29 -17.77 22.90 4.55
CA GLN B 29 -18.13 23.02 3.12
C GLN B 29 -19.06 21.88 2.75
N HIS B 30 -18.75 20.71 3.28
CA HIS B 30 -19.46 19.49 2.94
C HIS B 30 -20.53 19.08 3.97
N ARG B 31 -20.94 20.05 4.77
CA ARG B 31 -22.13 19.96 5.62
C ARG B 31 -22.10 18.83 6.64
N THR B 32 -21.00 18.70 7.37
CA THR B 32 -20.98 17.77 8.47
C THR B 32 -22.03 18.16 9.51
N THR B 33 -22.66 17.16 10.13
CA THR B 33 -23.64 17.42 11.17
C THR B 33 -23.02 17.10 12.54
N ARG B 34 -21.72 16.79 12.54
CA ARG B 34 -20.97 16.48 13.77
C ARG B 34 -20.18 17.67 14.25
N ARG B 35 -19.76 17.60 15.51
CA ARG B 35 -18.92 18.65 16.09
C ARG B 35 -17.52 18.52 15.49
N LEU B 36 -16.85 19.68 15.45
CA LEU B 36 -15.45 19.82 15.08
C LEU B 36 -14.58 20.18 16.31
N VAL B 37 -13.49 19.44 16.52
CA VAL B 37 -12.64 19.54 17.70
C VAL B 37 -11.16 19.58 17.23
N VAL B 38 -10.40 20.58 17.66
CA VAL B 38 -8.93 20.55 17.50
C VAL B 38 -8.20 20.39 18.86
N LEU B 39 -7.28 19.43 18.94
CA LEU B 39 -6.31 19.38 20.06
C LEU B 39 -5.15 20.35 19.75
N ALA B 40 -4.84 21.29 20.66
CA ALA B 40 -3.69 22.19 20.48
C ALA B 40 -2.76 22.13 21.71
N THR B 41 -1.48 22.47 21.49
CA THR B 41 -0.44 22.51 22.53
C THR B 41 0.11 23.95 22.72
N PRO B 42 0.84 24.22 23.82
CA PRO B 42 1.25 25.58 24.14
C PRO B 42 2.00 26.36 23.08
N GLN B 43 2.65 25.69 22.14
CA GLN B 43 3.30 26.38 21.01
C GLN B 43 2.32 27.11 20.08
N VAL B 44 1.07 26.63 20.02
CA VAL B 44 0.07 27.33 19.21
C VAL B 44 -0.18 28.72 19.83
N SER B 45 -0.01 29.77 19.03
CA SER B 45 -0.13 31.15 19.51
C SER B 45 -1.53 31.46 20.03
N ASP B 46 -1.63 32.38 20.99
CA ASP B 46 -2.95 32.80 21.50
C ASP B 46 -3.89 33.25 20.38
N SER B 47 -3.37 34.09 19.50
CA SER B 47 -4.16 34.57 18.39
C SER B 47 -4.62 33.44 17.49
N MET B 48 -3.72 32.49 17.16
CA MET B 48 -4.11 31.32 16.37
C MET B 48 -5.17 30.46 17.05
N ARG B 49 -5.07 30.30 18.36
CA ARG B 49 -6.10 29.55 19.11
C ARG B 49 -7.46 30.22 18.93
N LYS B 50 -7.49 31.54 18.98
CA LYS B 50 -8.74 32.26 18.74
C LYS B 50 -9.27 32.01 17.32
N VAL B 51 -8.40 32.08 16.31
CA VAL B 51 -8.79 31.72 14.94
C VAL B 51 -9.32 30.28 14.84
N LEU B 52 -8.65 29.34 15.47
CA LEU B 52 -9.15 27.94 15.56
C LEU B 52 -10.58 27.86 16.15
N GLU B 53 -10.84 28.72 17.11
CA GLU B 53 -12.14 28.80 17.76
C GLU B 53 -13.29 29.25 16.84
N THR B 54 -12.98 29.90 15.73
CA THR B 54 -14.02 30.23 14.71
C THR B 54 -14.42 29.07 13.80
N VAL B 55 -13.56 28.07 13.70
CA VAL B 55 -13.78 26.94 12.80
C VAL B 55 -14.21 25.72 13.61
N PHE B 56 -13.52 25.52 14.72
CA PHE B 56 -13.70 24.35 15.54
C PHE B 56 -14.68 24.73 16.65
N ASP B 57 -15.59 23.82 16.95
CA ASP B 57 -16.53 24.02 18.06
C ASP B 57 -15.75 24.06 19.39
N GLU B 58 -14.70 23.25 19.48
CA GLU B 58 -13.91 23.15 20.69
C GLU B 58 -12.44 23.19 20.34
N VAL B 59 -11.70 24.10 20.97
CA VAL B 59 -10.24 24.05 20.93
C VAL B 59 -9.81 23.52 22.30
N ILE B 60 -9.06 22.41 22.29
CA ILE B 60 -8.66 21.74 23.53
C ILE B 60 -7.13 21.70 23.76
N MET B 61 -6.71 22.33 24.86
CA MET B 61 -5.30 22.50 25.16
C MET B 61 -4.81 21.25 25.87
N VAL B 62 -3.77 20.63 25.32
CA VAL B 62 -3.11 19.44 25.89
C VAL B 62 -1.60 19.63 25.85
N ASP B 63 -0.89 18.73 26.51
CA ASP B 63 0.56 18.83 26.59
C ASP B 63 1.16 18.02 25.47
N VAL B 64 2.25 18.51 24.92
CA VAL B 64 2.97 17.73 23.94
C VAL B 64 3.43 16.42 24.54
N LEU B 65 3.30 15.35 23.75
CA LEU B 65 3.87 14.07 24.00
C LEU B 65 4.83 13.78 22.87
N ASP B 66 6.08 13.48 23.24
CA ASP B 66 7.15 13.37 22.27
C ASP B 66 7.98 12.12 22.51
N SER B 67 7.99 11.24 21.51
CA SER B 67 8.72 9.98 21.61
C SER B 67 10.23 10.19 21.85
N GLY B 68 10.79 11.26 21.30
CA GLY B 68 12.25 11.48 21.33
C GLY B 68 13.04 10.36 20.65
N ASP B 69 12.34 9.51 19.91
CA ASP B 69 12.89 8.27 19.35
C ASP B 69 13.55 8.62 18.03
N SER B 70 14.73 9.19 18.12
CA SER B 70 15.46 9.70 16.99
C SER B 70 15.83 8.57 16.00
N ALA B 71 16.24 7.43 16.55
CA ALA B 71 16.57 6.23 15.75
C ALA B 71 15.45 5.81 14.78
N HIS B 72 14.25 5.52 15.28
CA HIS B 72 13.17 5.04 14.40
C HIS B 72 12.67 6.15 13.48
N LEU B 73 12.50 7.35 14.03
CA LEU B 73 12.10 8.46 13.20
C LEU B 73 13.05 8.70 12.03
N THR B 74 14.36 8.53 12.22
CA THR B 74 15.37 8.69 11.12
C THR B 74 15.24 7.58 10.08
N LEU B 75 14.95 6.38 10.59
CA LEU B 75 14.76 5.21 9.74
C LEU B 75 13.72 5.53 8.65
N MET B 76 12.81 6.44 9.02
CA MET B 76 11.71 6.89 8.19
C MET B 76 11.97 8.25 7.51
N LYS B 77 13.14 8.85 7.75
CA LYS B 77 13.46 10.21 7.30
C LYS B 77 12.42 11.25 7.73
N ARG B 78 11.83 11.04 8.90
CA ARG B 78 10.91 12.02 9.49
C ARG B 78 11.38 12.36 10.91
N PRO B 79 12.54 13.03 11.03
CA PRO B 79 13.08 13.45 12.35
C PRO B 79 12.13 14.31 13.19
N GLU B 80 11.20 14.99 12.54
CA GLU B 80 10.34 15.96 13.19
C GLU B 80 9.05 15.39 13.79
N LEU B 81 8.77 14.10 13.62
CA LEU B 81 7.45 13.53 13.97
C LEU B 81 7.36 12.87 15.36
N GLY B 82 8.38 13.01 16.18
CA GLY B 82 8.27 12.55 17.56
C GLY B 82 7.07 13.09 18.33
N VAL B 83 6.68 14.35 18.05
CA VAL B 83 5.52 14.97 18.69
C VAL B 83 4.16 14.39 18.29
N THR B 84 4.11 13.49 17.30
CA THR B 84 2.85 12.88 16.89
C THR B 84 2.29 12.00 17.98
N LEU B 85 3.09 11.64 18.98
CA LEU B 85 2.52 10.95 20.15
C LEU B 85 1.40 11.75 20.86
N THR B 86 1.40 13.08 20.67
CA THR B 86 0.35 13.93 21.23
C THR B 86 -1.03 13.51 20.77
N LYS B 87 -1.10 12.86 19.61
CA LYS B 87 -2.36 12.37 19.08
C LYS B 87 -3.09 11.44 20.07
N LEU B 88 -2.35 10.77 20.95
CA LEU B 88 -2.95 9.81 21.87
C LEU B 88 -3.99 10.49 22.78
N HIS B 89 -3.84 11.79 23.04
CA HIS B 89 -4.82 12.56 23.79
C HIS B 89 -6.22 12.55 23.15
N CYS B 90 -6.34 12.13 21.90
CA CYS B 90 -7.68 12.05 21.30
C CYS B 90 -8.58 11.04 22.06
N TRP B 91 -7.98 10.04 22.68
CA TRP B 91 -8.77 9.05 23.45
C TRP B 91 -9.34 9.60 24.79
N SER B 92 -8.90 10.78 25.21
CA SER B 92 -9.37 11.42 26.45
C SER B 92 -10.74 12.14 26.34
N LEU B 93 -11.26 12.23 25.11
CA LEU B 93 -12.44 13.02 24.83
C LEU B 93 -13.78 12.29 25.11
N THR B 94 -13.97 11.89 26.38
CA THR B 94 -15.11 11.06 26.80
C THR B 94 -16.49 11.77 26.78
N GLN B 95 -16.48 13.08 26.62
CA GLN B 95 -17.67 13.83 26.28
C GLN B 95 -18.27 13.38 24.92
N TYR B 96 -17.47 12.71 24.09
CA TYR B 96 -17.95 12.20 22.79
C TYR B 96 -17.92 10.65 22.80
N SER B 97 -18.95 10.03 22.25
CA SER B 97 -19.06 8.56 22.21
C SER B 97 -18.29 7.97 21.07
N LYS B 98 -18.21 8.71 19.96
CA LYS B 98 -17.43 8.25 18.80
C LYS B 98 -16.85 9.43 18.05
N CYS B 99 -15.66 9.23 17.51
CA CYS B 99 -14.96 10.29 16.82
C CYS B 99 -14.21 9.74 15.64
N VAL B 100 -13.92 10.64 14.71
CA VAL B 100 -13.05 10.37 13.61
C VAL B 100 -11.87 11.30 13.79
N PHE B 101 -10.71 10.68 13.99
CA PHE B 101 -9.49 11.42 13.98
C PHE B 101 -9.01 11.62 12.55
N MET B 102 -8.59 12.86 12.25
CA MET B 102 -8.05 13.20 10.95
C MET B 102 -6.82 14.10 11.13
N ASP B 103 -5.71 13.72 10.48
CA ASP B 103 -4.46 14.52 10.42
C ASP B 103 -4.75 15.96 9.94
N ALA B 104 -3.93 16.91 10.38
CA ALA B 104 -4.09 18.31 10.02
C ALA B 104 -3.74 18.53 8.54
N ASP B 105 -3.08 17.54 7.94
CA ASP B 105 -2.73 17.56 6.52
C ASP B 105 -3.70 16.73 5.60
N THR B 106 -4.95 16.54 6.05
CA THR B 106 -6.04 16.00 5.23
C THR B 106 -7.00 17.10 4.78
N LEU B 107 -7.74 16.78 3.73
CA LEU B 107 -8.66 17.69 3.09
C LEU B 107 -9.87 16.87 2.67
N VAL B 108 -11.03 17.34 3.06
CA VAL B 108 -12.27 16.64 2.76
C VAL B 108 -12.90 17.15 1.45
N LEU B 109 -13.34 16.21 0.60
CA LEU B 109 -13.90 16.52 -0.71
C LEU B 109 -15.39 16.12 -0.86
N ALA B 110 -15.94 15.46 0.14
CA ALA B 110 -17.31 14.98 0.11
C ALA B 110 -17.74 14.73 1.54
N ASN B 111 -19.03 14.78 1.84
CA ASN B 111 -19.48 14.47 3.19
C ASN B 111 -19.02 13.06 3.54
N ILE B 112 -18.45 12.86 4.73
CA ILE B 112 -17.96 11.55 5.21
C ILE B 112 -18.54 11.21 6.60
N ASP B 113 -19.74 11.71 6.88
CA ASP B 113 -20.40 11.42 8.16
C ASP B 113 -20.82 9.96 8.28
N ASP B 114 -20.90 9.26 7.15
CA ASP B 114 -21.14 7.81 7.17
C ASP B 114 -19.97 7.03 7.84
N LEU B 115 -18.82 7.67 8.00
CA LEU B 115 -17.71 7.07 8.77
C LEU B 115 -18.14 6.69 10.22
N PHE B 116 -19.21 7.32 10.70
CA PHE B 116 -19.70 7.08 12.07
C PHE B 116 -20.55 5.82 12.19
N ASP B 117 -20.87 5.18 11.06
CA ASP B 117 -21.39 3.81 11.02
C ASP B 117 -20.37 2.77 11.47
N ARG B 118 -19.09 3.13 11.43
CA ARG B 118 -17.99 2.19 11.73
CA ARG B 118 -18.01 2.18 11.74
C ARG B 118 -17.71 2.12 13.25
N GLU B 119 -16.98 1.09 13.68
CA GLU B 119 -16.53 0.99 15.08
C GLU B 119 -15.02 1.09 15.20
N GLU B 120 -14.53 1.26 16.42
CA GLU B 120 -13.11 1.28 16.69
C GLU B 120 -12.54 -0.08 16.41
N LEU B 121 -11.36 -0.22 15.78
CA LEU B 121 -10.59 0.82 15.14
C LEU B 121 -10.69 0.61 13.64
N SER B 122 -11.31 1.56 12.94
CA SER B 122 -11.45 1.50 11.47
C SER B 122 -10.58 2.56 10.84
N ALA B 123 -9.80 2.12 9.87
CA ALA B 123 -8.79 2.96 9.23
C ALA B 123 -8.48 2.34 7.87
N ALA B 124 -7.95 3.17 6.97
CA ALA B 124 -7.57 2.73 5.63
C ALA B 124 -6.18 2.11 5.65
N PRO B 125 -5.92 1.15 4.74
CA PRO B 125 -4.54 0.63 4.69
C PRO B 125 -3.49 1.67 4.32
N ASP B 126 -2.28 1.49 4.83
CA ASP B 126 -1.17 2.39 4.55
C ASP B 126 -0.45 1.99 3.28
N PRO B 127 -0.38 2.87 2.27
CA PRO B 127 0.20 2.42 1.00
C PRO B 127 1.59 1.80 1.05
N GLY B 128 2.43 2.16 2.01
CA GLY B 128 3.79 1.59 2.00
C GLY B 128 3.86 0.16 2.50
N TRP B 129 3.27 -0.05 3.65
CA TRP B 129 3.16 -1.36 4.26
C TRP B 129 1.66 -1.59 4.54
N PRO B 130 0.91 -2.13 3.57
CA PRO B 130 -0.53 -2.12 3.70
C PRO B 130 -1.16 -3.08 4.71
N ASP B 131 -0.39 -3.94 5.37
CA ASP B 131 -0.88 -4.63 6.58
C ASP B 131 -0.84 -3.78 7.86
N CYS B 132 -0.32 -2.56 7.76
CA CYS B 132 -0.58 -1.50 8.75
C CYS B 132 -1.60 -0.54 8.24
N PHE B 133 -2.43 -0.02 9.16
CA PHE B 133 -3.32 1.11 8.81
C PHE B 133 -2.57 2.42 8.88
N ASN B 134 -3.01 3.36 8.05
CA ASN B 134 -2.50 4.72 8.10
C ASN B 134 -3.26 5.43 9.19
N SER B 135 -2.54 6.17 10.03
CA SER B 135 -3.15 6.81 11.22
C SER B 135 -3.62 8.23 10.95
N GLY B 136 -3.74 8.60 9.67
CA GLY B 136 -4.22 9.91 9.31
C GLY B 136 -5.73 10.07 9.37
N VAL B 137 -6.46 8.97 9.30
CA VAL B 137 -7.90 9.01 9.31
C VAL B 137 -8.34 7.76 10.04
N PHE B 138 -9.01 7.89 11.19
CA PHE B 138 -9.45 6.67 11.88
C PHE B 138 -10.65 6.88 12.81
N VAL B 139 -11.47 5.85 12.91
CA VAL B 139 -12.69 5.93 13.69
C VAL B 139 -12.40 5.27 15.05
N TYR B 140 -12.72 5.93 16.13
CA TYR B 140 -12.35 5.41 17.47
C TYR B 140 -13.38 5.85 18.49
N GLN B 141 -13.28 5.28 19.68
CA GLN B 141 -14.19 5.47 20.78
C GLN B 141 -13.38 5.96 21.98
N PRO B 142 -13.54 7.26 22.31
CA PRO B 142 -12.90 7.83 23.45
C PRO B 142 -13.20 7.02 24.71
N SER B 143 -12.17 6.84 25.54
CA SER B 143 -12.26 5.92 26.69
C SER B 143 -11.11 6.15 27.61
N VAL B 144 -11.37 6.22 28.90
CA VAL B 144 -10.29 6.34 29.88
C VAL B 144 -9.40 5.11 29.91
N GLU B 145 -9.99 3.93 29.71
CA GLU B 145 -9.23 2.69 29.68
C GLU B 145 -8.22 2.72 28.52
N THR B 146 -8.74 2.93 27.32
CA THR B 146 -7.90 2.93 26.10
C THR B 146 -6.83 4.03 26.16
N TYR B 147 -7.23 5.23 26.59
CA TYR B 147 -6.31 6.38 26.67
C TYR B 147 -5.10 6.05 27.53
N ASN B 148 -5.37 5.56 28.75
CA ASN B 148 -4.29 5.26 29.65
C ASN B 148 -3.44 4.07 29.26
N GLN B 149 -4.07 3.07 28.67
CA GLN B 149 -3.34 1.91 28.16
C GLN B 149 -2.36 2.36 27.08
N LEU B 150 -2.82 3.23 26.18
CA LEU B 150 -1.95 3.80 25.13
C LEU B 150 -0.79 4.62 25.66
N LEU B 151 -1.03 5.55 26.61
CA LEU B 151 0.04 6.32 27.26
C LEU B 151 1.04 5.41 27.99
N HIS B 152 0.55 4.33 28.58
CA HIS B 152 1.43 3.41 29.28
C HIS B 152 2.37 2.67 28.29
N LEU B 153 1.75 2.11 27.26
CA LEU B 153 2.48 1.40 26.17
C LEU B 153 3.48 2.34 25.52
N ALA B 154 3.07 3.59 25.29
CA ALA B 154 3.97 4.61 24.75
C ALA B 154 5.17 4.88 25.68
N SER B 155 4.93 4.89 26.99
CA SER B 155 5.98 5.26 27.92
C SER B 155 7.05 4.17 28.03
N GLU B 156 6.63 2.92 28.10
CA GLU B 156 7.56 1.84 28.39
C GLU B 156 8.14 1.14 27.14
N GLN B 157 7.33 1.03 26.07
CA GLN B 157 7.73 0.35 24.84
C GLN B 157 8.00 1.35 23.71
N GLY B 158 7.27 2.45 23.70
CA GLY B 158 7.41 3.49 22.66
C GLY B 158 6.72 3.04 21.37
N SER B 159 7.22 3.51 20.25
CA SER B 159 6.60 3.23 18.96
C SER B 159 7.63 2.75 17.95
N PHE B 160 7.30 1.65 17.26
CA PHE B 160 8.24 1.10 16.29
C PHE B 160 8.65 2.08 15.18
N ASP B 161 7.86 3.12 14.95
CA ASP B 161 8.28 4.14 13.98
C ASP B 161 8.59 5.52 14.56
N GLY B 162 8.58 5.64 15.88
CA GLY B 162 8.90 6.91 16.57
C GLY B 162 7.72 7.85 16.67
N GLY B 163 6.55 7.40 16.22
CA GLY B 163 5.41 8.27 16.09
C GLY B 163 4.15 7.56 16.48
N ASP B 164 3.03 8.20 16.23
CA ASP B 164 1.76 7.60 16.62
C ASP B 164 1.43 6.35 15.83
N GLN B 165 1.82 6.29 14.54
CA GLN B 165 1.29 5.21 13.69
C GLN B 165 1.75 3.87 14.19
N GLY B 166 3.01 3.78 14.56
CA GLY B 166 3.58 2.52 14.99
C GLY B 166 2.91 2.00 16.25
N ILE B 167 2.89 2.80 17.31
CA ILE B 167 2.21 2.38 18.52
C ILE B 167 0.72 2.05 18.32
N LEU B 168 -0.02 2.84 17.53
CA LEU B 168 -1.44 2.52 17.29
C LEU B 168 -1.63 1.20 16.53
N ASN B 169 -0.72 0.90 15.59
CA ASN B 169 -0.78 -0.41 14.88
C ASN B 169 -0.45 -1.57 15.82
N THR B 170 0.51 -1.34 16.70
CA THR B 170 0.86 -2.34 17.69
C THR B 170 -0.26 -2.56 18.68
N PHE B 171 -0.83 -1.47 19.19
CA PHE B 171 -1.99 -1.57 20.07
C PHE B 171 -3.22 -2.20 19.41
N PHE B 172 -3.55 -1.74 18.21
CA PHE B 172 -4.68 -2.31 17.45
C PHE B 172 -4.17 -3.34 16.41
N SER B 173 -3.52 -4.38 16.94
CA SER B 173 -2.78 -5.37 16.17
C SER B 173 -3.64 -6.32 15.39
N SER B 174 -4.94 -6.39 15.65
CA SER B 174 -5.78 -7.35 14.92
C SER B 174 -6.28 -6.76 13.59
N TRP B 175 -6.03 -5.47 13.36
CA TRP B 175 -6.67 -4.79 12.20
C TRP B 175 -6.46 -5.54 10.85
N ALA B 176 -5.24 -5.97 10.56
CA ALA B 176 -4.94 -6.63 9.28
C ALA B 176 -5.75 -7.89 9.02
N THR B 177 -6.16 -8.57 10.07
CA THR B 177 -6.64 -9.95 9.92
C THR B 177 -8.07 -10.18 10.38
N THR B 178 -8.70 -9.13 10.86
CA THR B 178 -9.97 -9.24 11.54
C THR B 178 -10.91 -8.15 11.07
N ASP B 179 -12.09 -8.59 10.63
CA ASP B 179 -13.23 -7.73 10.29
C ASP B 179 -12.97 -6.73 9.16
N ILE B 180 -13.35 -7.13 7.96
CA ILE B 180 -13.12 -6.29 6.79
C ILE B 180 -13.83 -4.91 6.86
N ARG B 181 -14.91 -4.78 7.63
CA ARG B 181 -15.59 -3.47 7.76
C ARG B 181 -14.68 -2.39 8.40
N LYS B 182 -13.69 -2.84 9.16
CA LYS B 182 -12.70 -1.94 9.78
C LYS B 182 -11.53 -1.54 8.87
N HIS B 183 -11.53 -2.06 7.63
CA HIS B 183 -10.61 -1.60 6.58
C HIS B 183 -11.40 -0.56 5.78
N LEU B 184 -11.23 0.73 6.10
CA LEU B 184 -11.90 1.78 5.38
C LEU B 184 -11.41 1.77 3.95
N PRO B 185 -12.31 2.05 3.01
CA PRO B 185 -11.90 2.24 1.64
C PRO B 185 -10.90 3.37 1.51
N PHE B 186 -9.94 3.14 0.64
CA PHE B 186 -8.82 4.03 0.43
C PHE B 186 -9.27 5.43 0.01
N ILE B 187 -10.45 5.54 -0.59
CA ILE B 187 -11.00 6.85 -0.89
C ILE B 187 -11.33 7.73 0.32
N TYR B 188 -11.38 7.13 1.51
CA TYR B 188 -11.44 7.89 2.77
C TYR B 188 -10.07 8.32 3.32
N ASN B 189 -8.99 7.96 2.63
CA ASN B 189 -7.66 8.39 3.06
C ASN B 189 -6.73 8.26 1.89
N LEU B 190 -6.96 9.09 0.87
CA LEU B 190 -6.25 8.84 -0.39
C LEU B 190 -4.94 9.61 -0.32
N SER B 191 -3.83 8.92 -0.19
CA SER B 191 -2.56 9.63 -0.10
C SER B 191 -2.04 9.95 -1.48
N SER B 192 -1.40 11.11 -1.61
CA SER B 192 -0.88 11.51 -2.92
C SER B 192 0.18 10.53 -3.43
N ILE B 193 0.80 9.76 -2.53
CA ILE B 193 1.81 8.81 -2.96
C ILE B 193 1.19 7.61 -3.73
N SER B 194 -0.04 7.23 -3.38
CA SER B 194 -0.78 6.23 -4.21
C SER B 194 -1.16 6.72 -5.64
N ILE B 195 -1.62 7.96 -5.74
CA ILE B 195 -1.80 8.60 -7.06
C ILE B 195 -0.52 8.45 -7.90
N TYR B 196 0.63 8.68 -7.27
CA TYR B 196 1.93 8.60 -7.96
C TYR B 196 2.40 7.14 -8.26
N SER B 197 2.21 6.22 -7.33
CA SER B 197 2.72 4.85 -7.47
C SER B 197 1.88 3.98 -8.40
N TYR B 198 0.57 4.20 -8.46
CA TYR B 198 -0.28 3.43 -9.36
C TYR B 198 -1.32 4.33 -10.02
N LEU B 199 -0.85 5.18 -10.90
CA LEU B 199 -1.68 6.16 -11.60
C LEU B 199 -2.85 5.50 -12.35
N PRO B 200 -2.63 4.32 -12.94
CA PRO B 200 -3.80 3.71 -13.59
C PRO B 200 -4.98 3.50 -12.66
N ALA B 201 -4.74 3.10 -11.41
CA ALA B 201 -5.81 2.85 -10.49
C ALA B 201 -6.47 4.16 -10.13
N PHE B 202 -5.68 5.22 -9.99
CA PHE B 202 -6.26 6.52 -9.71
C PHE B 202 -7.16 7.01 -10.85
N LYS B 203 -6.73 6.81 -12.09
CA LYS B 203 -7.55 7.27 -13.24
C LYS B 203 -8.94 6.62 -13.23
N VAL B 204 -9.03 5.36 -12.78
CA VAL B 204 -10.27 4.61 -12.79
CA VAL B 204 -10.29 4.63 -12.81
C VAL B 204 -11.10 4.81 -11.51
N PHE B 205 -10.45 4.95 -10.36
CA PHE B 205 -11.16 5.07 -9.09
C PHE B 205 -11.16 6.45 -8.43
N GLY B 206 -10.27 7.33 -8.90
CA GLY B 206 -10.01 8.62 -8.27
C GLY B 206 -11.18 9.57 -8.13
N ALA B 207 -12.05 9.64 -9.16
CA ALA B 207 -13.27 10.45 -9.09
C ALA B 207 -14.05 10.22 -7.80
N SER B 208 -13.95 9.02 -7.25
CA SER B 208 -14.68 8.70 -6.03
C SER B 208 -14.01 9.15 -4.71
N ALA B 209 -12.86 9.83 -4.80
CA ALA B 209 -12.10 10.25 -3.59
C ALA B 209 -12.94 11.14 -2.71
N LYS B 210 -12.99 10.80 -1.43
CA LYS B 210 -13.72 11.55 -0.36
C LYS B 210 -12.79 12.38 0.52
N VAL B 211 -11.55 11.91 0.70
CA VAL B 211 -10.54 12.58 1.48
C VAL B 211 -9.18 12.42 0.85
N VAL B 212 -8.43 13.53 0.78
CA VAL B 212 -7.06 13.50 0.25
C VAL B 212 -6.11 13.75 1.43
N HIS B 213 -4.96 13.06 1.41
CA HIS B 213 -4.00 13.14 2.50
C HIS B 213 -2.61 13.49 1.99
N PHE B 214 -2.16 14.69 2.34
CA PHE B 214 -0.88 15.24 1.81
C PHE B 214 0.28 14.76 2.68
N LEU B 215 0.37 13.45 2.78
CA LEU B 215 1.33 12.76 3.59
C LEU B 215 2.70 13.04 3.02
N GLY B 216 3.67 13.19 3.91
CA GLY B 216 5.07 13.41 3.50
C GLY B 216 5.64 14.65 4.15
N ARG B 217 6.96 14.83 4.02
CA ARG B 217 7.67 15.89 4.73
C ARG B 217 7.27 17.29 4.25
N VAL B 218 7.07 17.44 2.95
CA VAL B 218 6.69 18.74 2.39
C VAL B 218 5.17 18.83 2.42
N LYS B 219 4.67 19.87 3.06
CA LYS B 219 3.26 19.98 3.34
C LYS B 219 2.67 21.11 2.48
N PRO B 220 1.37 21.07 2.22
CA PRO B 220 0.80 22.06 1.30
C PRO B 220 1.15 23.49 1.67
N TRP B 221 1.20 23.80 2.97
CA TRP B 221 1.57 25.16 3.44
C TRP B 221 3.04 25.50 3.20
N ASN B 222 3.85 24.53 2.79
CA ASN B 222 5.24 24.84 2.41
C ASN B 222 5.41 25.28 0.95
N TYR B 223 4.33 25.27 0.17
CA TYR B 223 4.43 25.61 -1.26
C TYR B 223 4.29 27.08 -1.52
N THR B 224 4.89 27.55 -2.61
CA THR B 224 4.63 28.90 -3.07
C THR B 224 3.40 28.88 -3.98
N TYR B 225 2.31 29.51 -3.55
CA TYR B 225 1.05 29.52 -4.32
C TYR B 225 0.75 30.90 -4.88
N ASP B 226 0.42 30.95 -6.17
CA ASP B 226 -0.03 32.17 -6.83
C ASP B 226 -1.56 32.17 -7.01
N PRO B 227 -2.30 32.91 -6.17
CA PRO B 227 -3.76 32.95 -6.33
C PRO B 227 -4.32 33.53 -7.65
N LYS B 228 -3.55 34.35 -8.36
CA LYS B 228 -4.06 34.91 -9.61
C LYS B 228 -4.26 33.80 -10.66
N THR B 229 -3.24 32.96 -10.86
CA THR B 229 -3.30 31.90 -11.87
C THR B 229 -3.79 30.56 -11.31
N LYS B 230 -3.72 30.38 -9.98
CA LYS B 230 -4.03 29.12 -9.31
C LYS B 230 -2.97 28.04 -9.63
N SER B 231 -1.70 28.40 -9.42
CA SER B 231 -0.57 27.49 -9.61
C SER B 231 0.38 27.48 -8.42
N VAL B 232 1.11 26.37 -8.23
CA VAL B 232 2.21 26.31 -7.26
C VAL B 232 3.56 26.06 -7.97
N LYS B 233 4.66 26.56 -7.40
CA LYS B 233 6.02 26.22 -7.88
C LYS B 233 6.46 24.93 -7.23
N SER B 234 7.10 24.03 -7.98
CA SER B 234 7.53 22.74 -7.43
C SER B 234 8.82 22.18 -8.06
N GLU B 235 9.46 21.27 -7.33
CA GLU B 235 10.69 20.58 -7.78
C GLU B 235 10.37 19.14 -8.19
N ALA B 236 11.31 18.50 -8.90
CA ALA B 236 11.13 17.13 -9.42
C ALA B 236 10.62 16.10 -8.37
N HIS B 237 9.93 15.07 -8.87
CA HIS B 237 9.54 13.90 -8.07
C HIS B 237 8.55 14.19 -6.94
N ASP B 238 7.74 15.21 -7.12
CA ASP B 238 6.76 15.57 -6.09
C ASP B 238 5.41 14.86 -6.34
N PRO B 239 5.11 13.78 -5.57
CA PRO B 239 3.84 13.07 -5.82
C PRO B 239 2.57 13.91 -5.64
N ASN B 240 2.67 15.09 -5.00
CA ASN B 240 1.54 16.01 -4.97
C ASN B 240 1.28 16.63 -6.33
N MET B 241 2.24 16.54 -7.25
CA MET B 241 2.10 17.16 -8.56
C MET B 241 1.62 16.19 -9.65
N THR B 242 1.40 14.92 -9.29
CA THR B 242 0.83 13.95 -10.21
C THR B 242 -0.58 14.39 -10.54
N HIS B 243 -1.34 14.66 -9.51
CA HIS B 243 -2.66 15.23 -9.65
C HIS B 243 -2.73 16.45 -8.76
N PRO B 244 -2.17 17.57 -9.24
CA PRO B 244 -2.02 18.74 -8.42
C PRO B 244 -3.32 19.45 -8.08
N GLU B 245 -4.42 19.13 -8.77
CA GLU B 245 -5.72 19.78 -8.47
C GLU B 245 -6.09 19.73 -6.97
N PHE B 246 -5.66 18.67 -6.27
CA PHE B 246 -5.92 18.55 -4.82
C PHE B 246 -5.11 19.56 -4.03
N LEU B 247 -3.82 19.61 -4.29
CA LEU B 247 -2.98 20.69 -3.76
C LEU B 247 -3.55 22.08 -4.02
N ILE B 248 -4.00 22.34 -5.25
CA ILE B 248 -4.57 23.66 -5.57
C ILE B 248 -5.87 23.93 -4.82
N LEU B 249 -6.75 22.94 -4.73
CA LEU B 249 -7.96 23.04 -3.92
C LEU B 249 -7.66 23.43 -2.46
N TRP B 250 -6.65 22.78 -1.86
CA TRP B 250 -6.19 23.13 -0.50
C TRP B 250 -5.90 24.63 -0.43
N TRP B 251 -5.14 25.11 -1.42
CA TRP B 251 -4.71 26.50 -1.43
C TRP B 251 -5.83 27.46 -1.75
N ASN B 252 -6.82 27.02 -2.53
CA ASN B 252 -7.98 27.84 -2.83
C ASN B 252 -8.85 28.06 -1.61
N ILE B 253 -9.13 26.97 -0.92
CA ILE B 253 -9.79 27.02 0.39
C ILE B 253 -9.01 27.92 1.35
N PHE B 254 -7.71 27.67 1.47
CA PHE B 254 -6.87 28.47 2.34
C PHE B 254 -6.91 29.96 2.00
N THR B 255 -6.74 30.30 0.73
CA THR B 255 -6.68 31.69 0.36
C THR B 255 -8.01 32.40 0.56
N THR B 256 -9.09 31.69 0.30
CA THR B 256 -10.40 32.32 0.30
CA THR B 256 -10.42 32.30 0.30
C THR B 256 -11.06 32.26 1.67
N ASN B 257 -10.89 31.14 2.38
CA ASN B 257 -11.62 30.88 3.63
C ASN B 257 -10.87 31.16 4.94
N VAL B 258 -9.55 31.01 4.90
CA VAL B 258 -8.76 31.00 6.12
C VAL B 258 -7.84 32.19 6.22
N LEU B 259 -7.11 32.46 5.14
CA LEU B 259 -6.04 33.47 5.15
C LEU B 259 -6.52 34.85 5.64
N PRO B 260 -7.76 35.24 5.29
CA PRO B 260 -8.26 36.55 5.74
C PRO B 260 -8.30 36.69 7.26
N LEU B 261 -8.37 35.58 7.96
CA LEU B 261 -8.43 35.56 9.42
C LEU B 261 -7.02 35.62 10.05
N LEU B 262 -5.99 35.47 9.25
CA LEU B 262 -4.62 35.40 9.78
C LEU B 262 -3.79 36.68 9.60
N GLN B 263 -4.01 37.36 8.48
CA GLN B 263 -3.19 38.51 8.09
C GLN B 263 -3.98 39.58 7.33
C1 GLC C . 3.33 0.64 -8.74
C2 GLC C . 2.20 -0.38 -8.35
C3 GLC C . 2.53 -1.76 -9.00
C4 GLC C . 2.70 -1.45 -10.51
C5 GLC C . 4.04 -0.67 -10.58
C6 GLC C . 4.75 -0.50 -11.92
O1 GLC C . 4.01 1.50 -7.84
O2 GLC C . 2.06 -0.42 -6.94
O3 GLC C . 1.59 -2.80 -8.78
O4 GLC C . 2.57 -2.62 -11.31
O5 GLC C . 3.82 0.65 -10.08
O6 GLC C . 6.05 -1.04 -11.78
MN MN D . 6.42 -9.27 -10.53
N1 UPG E . 6.37 -11.63 -17.65
C2 UPG E . 6.93 -12.35 -18.71
N3 UPG E . 7.56 -11.68 -19.68
C4 UPG E . 7.65 -10.32 -19.66
C5 UPG E . 7.10 -9.58 -18.61
C6 UPG E . 6.44 -10.27 -17.61
O2 UPG E . 6.85 -13.59 -18.72
O4 UPG E . 8.24 -9.70 -20.57
C1C UPG E . 5.66 -12.39 -16.63
C2C UPG E . 6.56 -12.80 -15.50
O2C UPG E . 5.98 -13.97 -14.89
C3C UPG E . 6.46 -11.63 -14.57
C4C UPG E . 5.00 -11.30 -14.71
O4C UPG E . 4.66 -11.57 -16.05
O3C UPG E . 6.85 -11.89 -13.21
C5C UPG E . 4.54 -9.89 -14.31
O5C UPG E . 5.53 -8.98 -14.73
PA UPG E . 6.47 -8.23 -13.67
O1A UPG E . 6.88 -9.09 -12.45
O2A UPG E . 7.66 -7.67 -14.41
O3A UPG E . 5.51 -7.05 -13.19
PB UPG E . 5.75 -6.36 -11.75
O1B UPG E . 5.73 -7.43 -10.64
O2B UPG E . 7.12 -5.74 -11.86
O3B UPG E . 4.65 -5.21 -11.72
C1' UPG E . 3.21 -5.25 -11.67
C2' UPG E . 2.61 -6.34 -10.77
C3' UPG E . 2.45 -7.63 -11.57
C4' UPG E . 1.48 -7.39 -12.75
C5' UPG E . 1.67 -6.05 -13.54
C6' UPG E . 0.46 -5.11 -13.59
O2' UPG E . 3.36 -6.56 -9.55
O3' UPG E . 2.03 -8.63 -10.64
O4' UPG E . 1.71 -8.45 -13.65
O5' UPG E . 2.75 -5.21 -13.03
O6' UPG E . -0.57 -5.43 -14.57
C1 EDO F . -15.76 -25.29 -14.75
O1 EDO F . -15.85 -24.41 -15.89
C2 EDO F . -14.72 -26.36 -14.98
O2 EDO F . -13.69 -25.91 -15.87
C1 EDO G . -16.78 -10.02 6.20
O1 EDO G . -17.08 -10.30 4.81
C2 EDO G . -15.69 -10.94 6.75
O2 EDO G . -14.51 -10.24 7.18
C1 EDO H . 4.08 -38.43 -9.85
O1 EDO H . 3.30 -38.07 -11.00
C2 EDO H . 3.27 -39.54 -9.23
O2 EDO H . 1.98 -39.29 -9.75
C1 EDO I . -12.91 -12.91 -5.24
O1 EDO I . -13.07 -13.99 -4.33
C2 EDO I . -12.26 -11.67 -4.61
O2 EDO I . -11.48 -11.96 -3.44
C1 EDO J . 11.15 -23.76 5.10
O1 EDO J . 12.34 -24.54 4.92
C2 EDO J . 10.36 -24.25 6.30
O2 EDO J . 9.28 -23.34 6.52
C1 EDO K . -1.44 -30.56 3.31
O1 EDO K . -2.67 -30.00 2.85
C2 EDO K . -0.52 -29.39 3.61
O2 EDO K . 0.80 -29.87 3.84
C1 EDO L . -10.09 -28.48 0.29
O1 EDO L . -11.12 -27.63 -0.25
C2 EDO L . -8.90 -27.63 0.75
O2 EDO L . -8.24 -27.00 -0.36
C1 EDO M . -15.92 -12.63 -7.70
O1 EDO M . -15.81 -12.94 -9.09
C2 EDO M . -16.33 -11.17 -7.60
O2 EDO M . -15.22 -10.51 -7.01
C1 EDO N . 16.04 -17.84 3.79
O1 EDO N . 14.84 -18.12 4.52
C2 EDO N . 16.54 -19.14 3.19
O2 EDO N . 15.59 -19.61 2.24
C1 EDO O . 7.24 -22.92 -30.64
O1 EDO O . 6.03 -23.25 -31.29
C2 EDO O . 8.22 -22.28 -31.62
O2 EDO O . 9.43 -22.00 -30.91
MN MN P . -0.58 13.28 7.69
N1 UPG Q . 1.52 17.13 13.80
C2 UPG Q . 1.62 18.34 14.53
N3 UPG Q . 2.80 18.98 14.58
C4 UPG Q . 3.89 18.47 13.97
C5 UPG Q . 3.81 17.27 13.26
C6 UPG Q . 2.59 16.61 13.19
O2 UPG Q . 0.62 18.84 15.09
O4 UPG Q . 4.97 19.07 14.02
C1C UPG Q . 0.21 16.45 13.78
C2C UPG Q . -0.69 16.91 12.66
O2C UPG Q . -2.04 16.66 13.02
C3C UPG Q . -0.29 15.98 11.54
C4C UPG Q . -0.16 14.67 12.34
O4C UPG Q . 0.35 15.06 13.60
O3C UPG Q . -1.26 15.95 10.48
C5C UPG Q . 0.77 13.59 11.78
O5C UPG Q . 1.88 14.19 11.12
PA UPG Q . 2.01 14.21 9.50
O1A UPG Q . 0.66 14.42 8.74
O2A UPG Q . 3.10 15.23 9.21
O3A UPG Q . 2.54 12.74 9.20
PB UPG Q . 2.37 12.07 7.73
O1B UPG Q . 0.88 11.99 7.37
O2B UPG Q . 3.17 12.96 6.83
O3B UPG Q . 3.08 10.66 7.89
C1' UPG Q . 2.87 9.53 8.79
C2' UPG Q . 1.41 9.04 8.93
C3' UPG Q . 0.81 9.85 10.06
C4' UPG Q . 1.49 9.38 11.37
C5' UPG Q . 3.03 9.40 11.34
C6' UPG Q . 3.78 8.09 11.66
O2' UPG Q . 0.63 9.17 7.70
O3' UPG Q . -0.63 9.75 9.99
O4' UPG Q . 1.16 10.31 12.34
O5' UPG Q . 3.51 9.84 10.06
O6' UPG Q . 3.91 7.78 13.06
C1 EDO R . -21.79 15.31 -0.49
O1 EDO R . -21.54 14.02 -1.07
C2 EDO R . -20.70 16.28 -0.95
O2 EDO R . -20.91 17.62 -0.46
C1 EDO S . -9.49 -3.80 16.15
O1 EDO S . -10.53 -2.83 16.35
C2 EDO S . -8.53 -3.30 15.07
O2 EDO S . -9.27 -3.00 13.89
C1 EDO T . -14.69 14.85 30.58
O1 EDO T . -16.11 14.92 30.84
C2 EDO T . -14.41 15.14 29.12
O2 EDO T . -13.01 15.33 28.82
C1 EDO U . -19.78 20.43 23.13
O1 EDO U . -19.29 21.67 22.60
C2 EDO U . -18.87 19.95 24.27
O2 EDO U . -18.46 21.01 25.15
C1 EDO V . -22.99 22.74 23.75
O1 EDO V . -21.78 22.74 22.98
C2 EDO V . -22.67 22.23 25.15
O2 EDO V . -21.80 23.18 25.77
C1 EDO W . -22.09 10.86 25.27
O1 EDO W . -21.97 11.72 26.41
C2 EDO W . -20.95 9.85 25.31
O2 EDO W . -19.98 10.24 26.27
C1 EDO X . -9.00 26.04 25.45
O1 EDO X . -8.53 26.53 26.73
C2 EDO X . -9.14 27.13 24.38
O2 EDO X . -7.90 27.69 23.92
C1 EDO Y . -13.06 19.24 33.40
O1 EDO Y . -12.96 18.15 34.33
C2 EDO Y . -14.54 19.63 33.21
O2 EDO Y . -15.15 18.94 32.10
C1 EDO Z . -13.38 21.19 27.36
C1 EDO Z . -13.69 21.40 27.46
O1 EDO Z . -13.41 19.82 26.90
O1 EDO Z . -13.63 20.08 26.89
C2 EDO Z . -14.80 21.75 27.30
C2 EDO Z . -15.08 22.00 27.27
O2 EDO Z . -15.68 20.77 26.72
O2 EDO Z . -15.36 23.01 28.25
#